data_7DXL
#
_entry.id   7DXL
#
_cell.length_a   68.056
_cell.length_b   90.938
_cell.length_c   101.997
_cell.angle_alpha   90.000
_cell.angle_beta   90.000
_cell.angle_gamma   90.000
#
_symmetry.space_group_name_H-M   'P 21 21 21'
#
loop_
_entity.id
_entity.type
_entity.pdbx_description
1 polymer 'Tyrosine-protein kinase Mer'
2 non-polymer 3-[4-[6-chloranyl-5-[[(3R)-pyrrolidin-3-yl]amino]-1H-indazol-3-yl]pyrazol-1-yl]benzenecarbonitrile
3 water water
#
_entity_poly.entity_id   1
_entity_poly.type   'polypeptide(L)'
_entity_poly.pdbx_seq_one_letter_code
;SSEELQNKLEDVVIDRNLLILGKILGEGEFGSVMEGNLKQEDGTSLKVAVKTMKLDNSSQREIEEFLSEAACMKDFSHPN
VMRLLGVCIEMSSQGIPKPMVILPFMKYGDLHTYLLYSRLETGPKHIPLQTLLKFMVDIALGMEYLSNRNFLHRDLAARN
CMLRDDMTVCVADFGLSKKIYSGDYYRQGRIAKMPVKWIAIESLADRVYTSKSDVWAFGVTMWEIATRGMTPYPGVQNHE
MYDYLLHGHRLKQPEDCLDELYEIMYSCWRTDPLDRPTFSVLRLQLEKLLESLPDV
;
_entity_poly.pdbx_strand_id   A,B
#
# COMPACT_ATOMS: atom_id res chain seq x y z
N ASN A 7 40.20 -16.05 6.14
CA ASN A 7 41.26 -16.97 5.74
C ASN A 7 40.82 -17.86 4.59
N LYS A 8 40.64 -19.15 4.88
CA LYS A 8 40.18 -20.11 3.89
C LYS A 8 38.69 -20.03 3.61
N LEU A 9 38.03 -18.96 4.05
CA LEU A 9 36.59 -18.82 3.85
C LEU A 9 36.30 -18.20 2.49
N GLU A 10 37.12 -18.54 1.49
CA GLU A 10 36.87 -18.14 0.11
C GLU A 10 35.83 -19.03 -0.57
N ASP A 11 35.37 -20.09 0.11
CA ASP A 11 34.35 -20.96 -0.46
C ASP A 11 33.03 -20.25 -0.67
N VAL A 12 32.77 -19.18 0.08
CA VAL A 12 31.57 -18.38 -0.13
C VAL A 12 31.59 -17.74 -1.51
N VAL A 13 32.79 -17.40 -2.00
CA VAL A 13 32.92 -16.84 -3.34
C VAL A 13 32.72 -17.93 -4.38
N ILE A 14 31.87 -17.66 -5.36
CA ILE A 14 31.57 -18.59 -6.44
C ILE A 14 31.88 -17.91 -7.76
N ASP A 15 32.50 -18.65 -8.68
CA ASP A 15 32.87 -18.08 -9.97
C ASP A 15 31.63 -17.68 -10.75
N ARG A 16 31.74 -16.56 -11.48
CA ARG A 16 30.65 -16.10 -12.32
C ARG A 16 30.35 -17.06 -13.47
N ASN A 17 31.34 -17.86 -13.88
CA ASN A 17 31.11 -18.80 -14.98
C ASN A 17 30.08 -19.86 -14.62
N LEU A 18 30.00 -20.23 -13.34
CA LEU A 18 29.01 -21.21 -12.88
C LEU A 18 27.62 -20.59 -12.74
N LEU A 19 27.47 -19.30 -12.98
CA LEU A 19 26.20 -18.60 -12.82
C LEU A 19 25.75 -18.03 -14.16
N ILE A 20 24.45 -18.13 -14.43
CA ILE A 20 23.85 -17.62 -15.66
C ILE A 20 22.69 -16.73 -15.27
N LEU A 21 22.87 -15.41 -15.40
CA LEU A 21 21.83 -14.48 -15.00
C LEU A 21 20.69 -14.46 -16.01
N GLY A 22 19.52 -14.03 -15.54
CA GLY A 22 18.33 -14.00 -16.37
C GLY A 22 17.60 -12.67 -16.35
N LYS A 23 16.31 -12.71 -16.04
CA LYS A 23 15.47 -11.53 -16.06
C LYS A 23 15.39 -10.89 -14.68
N ILE A 24 14.93 -9.64 -14.65
CA ILE A 24 14.71 -8.93 -13.40
C ILE A 24 13.34 -9.32 -12.86
N LEU A 25 13.32 -9.86 -11.64
CA LEU A 25 12.07 -10.18 -10.96
C LEU A 25 11.62 -9.08 -10.02
N GLY A 26 12.47 -8.07 -9.78
CA GLY A 26 12.13 -6.98 -8.89
C GLY A 26 13.30 -6.05 -8.66
N GLU A 27 13.08 -4.75 -8.88
CA GLU A 27 14.08 -3.72 -8.65
C GLU A 27 13.74 -2.92 -7.41
N GLY A 28 14.70 -2.79 -6.51
CA GLY A 28 14.60 -1.90 -5.38
C GLY A 28 15.39 -0.64 -5.59
N GLU A 29 15.82 -0.02 -4.49
CA GLU A 29 16.70 1.14 -4.54
C GLU A 29 18.13 0.82 -4.13
N PHE A 30 18.32 -0.08 -3.16
CA PHE A 30 19.64 -0.50 -2.75
C PHE A 30 20.15 -1.70 -3.55
N GLY A 31 19.36 -2.23 -4.47
CA GLY A 31 19.79 -3.36 -5.26
C GLY A 31 18.64 -3.91 -6.08
N SER A 32 18.98 -4.89 -6.92
CA SER A 32 18.01 -5.55 -7.79
C SER A 32 18.10 -7.05 -7.58
N VAL A 33 17.01 -7.74 -7.91
CA VAL A 33 16.94 -9.19 -7.82
C VAL A 33 16.68 -9.75 -9.21
N MET A 34 17.54 -10.68 -9.64
CA MET A 34 17.44 -11.30 -10.95
C MET A 34 17.33 -12.81 -10.81
N GLU A 35 16.66 -13.45 -11.76
CA GLU A 35 16.65 -14.89 -11.80
C GLU A 35 17.96 -15.40 -12.40
N GLY A 36 18.30 -16.65 -12.09
CA GLY A 36 19.54 -17.21 -12.57
C GLY A 36 19.57 -18.72 -12.41
N ASN A 37 20.52 -19.32 -13.13
CA ASN A 37 20.83 -20.74 -13.01
C ASN A 37 22.21 -20.91 -12.41
N LEU A 38 22.36 -21.84 -11.48
CA LEU A 38 23.63 -22.12 -10.84
C LEU A 38 24.06 -23.54 -11.17
N LYS A 39 25.23 -23.67 -11.80
CA LYS A 39 25.83 -24.97 -12.05
C LYS A 39 26.61 -25.43 -10.83
N GLN A 40 26.51 -26.71 -10.52
CA GLN A 40 27.07 -27.26 -9.29
C GLN A 40 28.10 -28.34 -9.63
N GLU A 41 28.71 -28.88 -8.57
CA GLU A 41 29.67 -29.96 -8.75
C GLU A 41 29.00 -31.24 -9.21
N ASP A 42 27.70 -31.39 -8.92
CA ASP A 42 26.95 -32.56 -9.37
C ASP A 42 26.72 -32.58 -10.87
N GLY A 43 27.02 -31.50 -11.57
CA GLY A 43 26.67 -31.38 -12.96
C GLY A 43 25.25 -30.89 -13.21
N THR A 44 24.44 -30.79 -12.17
CA THR A 44 23.07 -30.30 -12.27
C THR A 44 23.02 -28.81 -11.94
N SER A 45 22.02 -28.13 -12.47
CA SER A 45 21.85 -26.70 -12.27
C SER A 45 20.55 -26.44 -11.50
N LEU A 46 20.57 -25.44 -10.63
CA LEU A 46 19.39 -25.08 -9.86
C LEU A 46 18.96 -23.65 -10.16
N LYS A 47 17.65 -23.41 -10.01
CA LYS A 47 17.11 -22.07 -10.13
C LYS A 47 17.43 -21.29 -8.86
N VAL A 48 18.04 -20.12 -9.02
CA VAL A 48 18.51 -19.31 -7.91
C VAL A 48 18.15 -17.85 -8.14
N ALA A 49 17.98 -17.13 -7.04
CA ALA A 49 17.79 -15.69 -7.06
C ALA A 49 19.11 -15.00 -6.74
N VAL A 50 19.46 -14.01 -7.55
CA VAL A 50 20.73 -13.29 -7.42
C VAL A 50 20.42 -11.84 -7.09
N LYS A 51 20.83 -11.41 -5.90
CA LYS A 51 20.53 -10.08 -5.37
C LYS A 51 21.81 -9.25 -5.39
N THR A 52 21.86 -8.25 -6.27
CA THR A 52 23.04 -7.41 -6.37
C THR A 52 23.19 -6.55 -5.12
N MET A 53 24.38 -6.60 -4.52
CA MET A 53 24.71 -5.82 -3.32
C MET A 53 23.70 -6.03 -2.20
N SER A 58 33.92 1.68 0.43
CA SER A 58 34.68 1.08 -0.66
C SER A 58 36.13 0.79 -0.25
N SER A 59 36.34 -0.36 0.38
CA SER A 59 37.67 -0.75 0.83
C SER A 59 37.76 -2.27 0.81
N GLN A 60 38.92 -2.79 1.23
CA GLN A 60 39.14 -4.23 1.33
C GLN A 60 38.92 -4.74 2.75
N ARG A 61 38.49 -3.87 3.67
CA ARG A 61 38.11 -4.29 5.01
C ARG A 61 36.62 -4.50 5.17
N GLU A 62 35.80 -3.80 4.39
CA GLU A 62 34.35 -4.01 4.39
C GLU A 62 33.91 -5.13 3.46
N ILE A 63 34.65 -5.34 2.36
CA ILE A 63 34.40 -6.50 1.51
C ILE A 63 34.60 -7.78 2.31
N GLU A 64 35.69 -7.83 3.09
CA GLU A 64 35.94 -9.00 3.94
C GLU A 64 34.80 -9.21 4.92
N GLU A 65 34.30 -8.14 5.54
CA GLU A 65 33.20 -8.28 6.49
C GLU A 65 31.95 -8.79 5.80
N PHE A 66 31.65 -8.27 4.60
CA PHE A 66 30.49 -8.72 3.84
C PHE A 66 30.59 -10.22 3.57
N LEU A 67 31.74 -10.69 3.08
CA LEU A 67 31.86 -12.11 2.73
C LEU A 67 31.99 -13.01 3.96
N SER A 68 32.45 -12.48 5.10
CA SER A 68 32.59 -13.28 6.31
C SER A 68 31.24 -13.48 7.01
N GLU A 69 30.53 -12.37 7.24
CA GLU A 69 29.13 -12.48 7.63
C GLU A 69 28.39 -13.42 6.68
N ALA A 70 28.65 -13.27 5.37
CA ALA A 70 28.10 -14.20 4.39
C ALA A 70 28.50 -15.63 4.69
N ALA A 71 29.71 -15.85 5.22
CA ALA A 71 30.12 -17.21 5.57
C ALA A 71 29.27 -17.77 6.70
N CYS A 72 29.04 -16.96 7.75
CA CYS A 72 28.11 -17.39 8.79
C CYS A 72 26.75 -17.77 8.21
N MET A 73 26.19 -16.89 7.38
CA MET A 73 24.91 -17.19 6.75
C MET A 73 24.98 -18.45 5.89
N LYS A 74 26.15 -18.76 5.35
CA LYS A 74 26.31 -19.98 4.57
C LYS A 74 26.30 -21.22 5.45
N ASP A 75 26.78 -21.09 6.70
CA ASP A 75 26.70 -22.22 7.62
C ASP A 75 25.35 -22.32 8.32
N PHE A 76 24.47 -21.32 8.20
CA PHE A 76 23.12 -21.48 8.74
C PHE A 76 22.35 -22.58 8.00
N SER A 77 21.55 -23.33 8.76
CA SER A 77 20.70 -24.38 8.20
C SER A 77 19.51 -24.59 9.12
N HIS A 78 18.37 -23.97 8.77
CA HIS A 78 17.12 -24.11 9.51
C HIS A 78 15.97 -24.14 8.50
N PRO A 79 14.92 -24.92 8.78
CA PRO A 79 13.80 -25.00 7.82
C PRO A 79 13.13 -23.66 7.56
N ASN A 80 13.12 -22.75 8.54
CA ASN A 80 12.45 -21.46 8.40
C ASN A 80 13.45 -20.32 8.22
N VAL A 81 14.69 -20.63 7.86
CA VAL A 81 15.71 -19.64 7.54
C VAL A 81 16.29 -19.97 6.17
N MET A 82 16.45 -18.96 5.33
CA MET A 82 17.03 -19.17 4.01
C MET A 82 18.50 -19.55 4.12
N ARG A 83 18.97 -20.32 3.16
CA ARG A 83 20.37 -20.71 3.07
C ARG A 83 21.09 -19.82 2.07
N LEU A 84 22.38 -19.60 2.33
CA LEU A 84 23.21 -18.76 1.46
C LEU A 84 24.01 -19.68 0.55
N LEU A 85 23.66 -19.69 -0.74
CA LEU A 85 24.38 -20.54 -1.68
C LEU A 85 25.75 -19.97 -1.99
N GLY A 86 25.83 -18.68 -2.32
CA GLY A 86 27.14 -18.13 -2.58
C GLY A 86 27.11 -16.64 -2.81
N VAL A 87 28.28 -16.10 -3.14
CA VAL A 87 28.47 -14.69 -3.47
C VAL A 87 29.41 -14.60 -4.66
N CYS A 88 28.98 -13.90 -5.71
CA CYS A 88 29.83 -13.51 -6.82
C CYS A 88 30.30 -12.08 -6.63
N ILE A 89 31.47 -11.77 -7.19
CA ILE A 89 32.05 -10.44 -7.03
C ILE A 89 31.83 -9.54 -8.24
N GLU A 90 31.29 -10.06 -9.33
CA GLU A 90 31.05 -9.27 -10.53
C GLU A 90 29.98 -8.21 -10.29
N LYS A 98 29.87 -4.26 -7.95
CA LYS A 98 29.03 -4.60 -6.81
C LYS A 98 28.87 -6.12 -6.67
N PRO A 99 28.82 -6.60 -5.43
CA PRO A 99 28.67 -8.04 -5.21
C PRO A 99 27.27 -8.52 -5.58
N MET A 100 27.14 -9.84 -5.62
CA MET A 100 25.89 -10.51 -6.01
C MET A 100 25.67 -11.70 -5.10
N VAL A 101 24.51 -11.75 -4.46
CA VAL A 101 24.21 -12.75 -3.44
C VAL A 101 23.30 -13.81 -4.05
N ILE A 102 23.78 -15.04 -4.12
CA ILE A 102 23.05 -16.14 -4.75
C ILE A 102 22.39 -16.98 -3.67
N LEU A 103 21.06 -16.99 -3.69
CA LEU A 103 20.19 -17.69 -2.75
C LEU A 103 19.26 -18.60 -3.55
N PRO A 104 18.58 -19.53 -2.90
CA PRO A 104 17.62 -20.37 -3.62
C PRO A 104 16.46 -19.57 -4.18
N PHE A 105 15.72 -20.20 -5.09
CA PHE A 105 14.58 -19.59 -5.77
C PHE A 105 13.28 -20.20 -5.23
N MET A 106 12.32 -19.33 -4.91
CA MET A 106 11.02 -19.73 -4.40
C MET A 106 9.96 -19.37 -5.43
N LYS A 107 9.30 -20.39 -5.98
CA LYS A 107 8.31 -20.15 -7.03
C LYS A 107 7.07 -19.45 -6.49
N TYR A 108 6.67 -19.74 -5.25
CA TYR A 108 5.46 -19.16 -4.70
C TYR A 108 5.62 -17.72 -4.27
N GLY A 109 6.85 -17.24 -4.12
CA GLY A 109 7.08 -15.82 -3.91
C GLY A 109 6.96 -15.39 -2.46
N ASP A 110 6.71 -14.09 -2.30
CA ASP A 110 6.68 -13.45 -1.00
C ASP A 110 5.29 -13.53 -0.37
N LEU A 111 5.28 -13.59 0.97
CA LEU A 111 4.03 -13.78 1.70
C LEU A 111 3.10 -12.57 1.57
N HIS A 112 3.64 -11.37 1.46
CA HIS A 112 2.80 -10.18 1.32
C HIS A 112 1.94 -10.27 0.07
N THR A 113 2.59 -10.44 -1.09
CA THR A 113 1.87 -10.63 -2.33
C THR A 113 0.99 -11.87 -2.28
N TYR A 114 1.41 -12.90 -1.54
CA TYR A 114 0.57 -14.10 -1.44
C TYR A 114 -0.74 -13.81 -0.71
N LEU A 115 -0.69 -13.00 0.35
CA LEU A 115 -1.91 -12.69 1.08
C LEU A 115 -2.81 -11.76 0.26
N LEU A 116 -2.23 -10.68 -0.28
CA LEU A 116 -3.01 -9.80 -1.15
C LEU A 116 -3.67 -10.57 -2.29
N TYR A 117 -2.96 -11.57 -2.83
CA TYR A 117 -3.57 -12.43 -3.85
C TYR A 117 -4.66 -13.31 -3.25
N SER A 118 -4.46 -13.78 -2.01
CA SER A 118 -5.48 -14.58 -1.36
C SER A 118 -6.80 -13.84 -1.25
N ARG A 119 -6.75 -12.51 -1.13
CA ARG A 119 -7.99 -11.75 -1.13
C ARG A 119 -8.66 -11.70 -2.50
N LEU A 120 -7.94 -12.00 -3.57
CA LEU A 120 -8.53 -12.06 -4.89
C LEU A 120 -9.06 -13.46 -5.19
N GLU A 121 -9.96 -13.55 -6.17
CA GLU A 121 -10.71 -14.79 -6.38
C GLU A 121 -9.89 -15.85 -7.10
N THR A 122 -9.06 -15.45 -8.08
CA THR A 122 -8.28 -16.44 -8.82
C THR A 122 -7.17 -17.03 -7.96
N GLY A 123 -6.70 -16.30 -6.95
CA GLY A 123 -5.65 -16.77 -6.09
C GLY A 123 -6.13 -17.80 -5.10
N PRO A 124 -5.47 -17.86 -3.94
CA PRO A 124 -5.89 -18.81 -2.90
C PRO A 124 -7.30 -18.50 -2.39
N LYS A 125 -7.84 -19.43 -1.61
CA LYS A 125 -9.14 -19.26 -1.00
C LYS A 125 -8.99 -18.43 0.27
N HIS A 126 -10.07 -18.37 1.07
CA HIS A 126 -10.00 -17.71 2.37
C HIS A 126 -8.98 -18.40 3.26
N ILE A 127 -7.78 -17.85 3.35
CA ILE A 127 -6.70 -18.42 4.15
C ILE A 127 -7.14 -18.40 5.61
N PRO A 128 -7.32 -19.55 6.25
CA PRO A 128 -7.84 -19.57 7.62
C PRO A 128 -6.79 -19.15 8.63
N LEU A 129 -7.28 -18.88 9.84
CA LEU A 129 -6.41 -18.47 10.93
C LEU A 129 -5.39 -19.54 11.29
N GLN A 130 -5.68 -20.81 10.99
CA GLN A 130 -4.69 -21.86 11.19
C GLN A 130 -3.49 -21.66 10.26
N THR A 131 -3.75 -21.31 9.01
CA THR A 131 -2.65 -21.10 8.06
C THR A 131 -1.91 -19.80 8.36
N LEU A 132 -2.64 -18.73 8.70
CA LEU A 132 -1.98 -17.49 9.09
C LEU A 132 -1.09 -17.71 10.31
N LEU A 133 -1.63 -18.32 11.36
CA LEU A 133 -0.85 -18.58 12.56
C LEU A 133 0.31 -19.52 12.28
N LYS A 134 0.13 -20.50 11.39
CA LYS A 134 1.25 -21.36 11.02
C LYS A 134 2.35 -20.56 10.35
N PHE A 135 1.99 -19.58 9.53
CA PHE A 135 2.98 -18.68 8.95
C PHE A 135 3.74 -17.95 10.05
N MET A 136 3.01 -17.38 11.01
CA MET A 136 3.66 -16.64 12.09
C MET A 136 4.58 -17.55 12.91
N VAL A 137 4.17 -18.80 13.15
CA VAL A 137 5.00 -19.75 13.87
C VAL A 137 6.25 -20.06 13.08
N ASP A 138 6.13 -20.18 11.76
CA ASP A 138 7.31 -20.38 10.92
C ASP A 138 8.30 -19.24 11.08
N ILE A 139 7.84 -18.01 10.89
CA ILE A 139 8.74 -16.86 11.03
C ILE A 139 9.31 -16.79 12.44
N ALA A 140 8.54 -17.21 13.43
CA ALA A 140 9.01 -17.17 14.82
C ALA A 140 10.12 -18.18 15.04
N LEU A 141 9.99 -19.38 14.48
CA LEU A 141 11.05 -20.37 14.61
C LEU A 141 12.30 -19.92 13.88
N GLY A 142 12.14 -19.27 12.71
CA GLY A 142 13.31 -18.77 12.00
C GLY A 142 14.03 -17.68 12.77
N MET A 143 13.30 -16.63 13.16
CA MET A 143 13.94 -15.51 13.86
C MET A 143 14.48 -15.95 15.21
N GLU A 144 13.85 -16.92 15.86
CA GLU A 144 14.40 -17.46 17.10
C GLU A 144 15.69 -18.22 16.85
N TYR A 145 15.72 -19.02 15.78
CA TYR A 145 16.95 -19.70 15.41
C TYR A 145 18.08 -18.70 15.18
N LEU A 146 17.80 -17.60 14.49
CA LEU A 146 18.84 -16.60 14.29
C LEU A 146 19.18 -15.86 15.57
N SER A 147 18.23 -15.77 16.51
CA SER A 147 18.50 -15.08 17.77
C SER A 147 19.42 -15.90 18.66
N ASN A 148 19.27 -17.23 18.64
CA ASN A 148 20.15 -18.08 19.44
C ASN A 148 21.60 -18.02 18.97
N ARG A 149 21.82 -17.65 17.71
CA ARG A 149 23.17 -17.46 17.18
C ARG A 149 23.57 -15.99 17.13
N ASN A 150 22.77 -15.11 17.74
CA ASN A 150 23.10 -13.68 17.86
C ASN A 150 23.30 -13.04 16.49
N PHE A 151 22.36 -13.30 15.58
CA PHE A 151 22.34 -12.66 14.28
C PHE A 151 21.12 -11.77 14.18
N LEU A 152 21.31 -10.56 13.66
CA LEU A 152 20.26 -9.56 13.58
C LEU A 152 19.78 -9.43 12.14
N HIS A 153 18.46 -9.34 11.98
CA HIS A 153 17.85 -9.36 10.65
C HIS A 153 17.88 -7.97 10.00
N ARG A 154 17.48 -6.94 10.76
CA ARG A 154 17.51 -5.54 10.35
C ARG A 154 16.43 -5.21 9.30
N ASP A 155 15.85 -6.23 8.67
CA ASP A 155 14.79 -6.02 7.68
C ASP A 155 13.85 -7.21 7.72
N LEU A 156 12.86 -7.14 8.59
CA LEU A 156 11.85 -8.19 8.76
C LEU A 156 10.49 -7.64 8.36
N ALA A 157 9.89 -8.24 7.33
CA ALA A 157 8.56 -7.85 6.88
C ALA A 157 7.98 -9.00 6.07
N ALA A 158 6.67 -8.93 5.85
CA ALA A 158 6.01 -9.95 5.05
C ALA A 158 6.55 -9.97 3.62
N ARG A 159 7.02 -8.82 3.14
CA ARG A 159 7.64 -8.77 1.81
C ARG A 159 8.98 -9.51 1.80
N ASN A 160 9.68 -9.54 2.93
CA ASN A 160 10.99 -10.18 3.03
C ASN A 160 10.91 -11.61 3.56
N CYS A 161 9.70 -12.13 3.76
CA CYS A 161 9.49 -13.52 4.16
C CYS A 161 9.00 -14.30 2.94
N MET A 162 9.68 -15.40 2.63
CA MET A 162 9.40 -16.12 1.40
C MET A 162 8.65 -17.42 1.67
N LEU A 163 7.85 -17.84 0.70
CA LEU A 163 7.10 -19.09 0.77
C LEU A 163 7.85 -20.15 -0.01
N ARG A 164 7.97 -21.34 0.58
CA ARG A 164 8.69 -22.45 -0.02
C ARG A 164 7.72 -23.39 -0.71
N ASP A 165 8.27 -24.41 -1.38
CA ASP A 165 7.46 -25.33 -2.17
C ASP A 165 6.51 -26.16 -1.32
N ASP A 166 6.76 -26.29 -0.02
CA ASP A 166 5.86 -26.97 0.90
C ASP A 166 4.90 -26.00 1.59
N MET A 167 4.75 -24.79 1.06
CA MET A 167 3.87 -23.77 1.62
C MET A 167 4.26 -23.41 3.05
N THR A 168 5.56 -23.34 3.30
CA THR A 168 6.10 -22.88 4.57
C THR A 168 6.81 -21.55 4.37
N VAL A 169 6.84 -20.74 5.44
CA VAL A 169 7.46 -19.42 5.40
C VAL A 169 8.86 -19.52 5.98
N CYS A 170 9.83 -18.99 5.25
CA CYS A 170 11.20 -18.88 5.71
C CYS A 170 11.63 -17.43 5.68
N VAL A 171 12.39 -17.02 6.70
CA VAL A 171 12.89 -15.66 6.76
C VAL A 171 13.99 -15.48 5.73
N ALA A 172 14.14 -14.25 5.23
CA ALA A 172 15.13 -13.94 4.22
C ALA A 172 15.52 -12.48 4.36
N ASP A 173 16.43 -12.05 3.49
CA ASP A 173 16.94 -10.68 3.49
C ASP A 173 17.62 -10.31 4.80
N PHE A 174 18.27 -11.28 5.44
CA PHE A 174 19.04 -11.03 6.65
C PHE A 174 20.51 -10.85 6.29
N GLY A 175 21.17 -9.91 6.97
CA GLY A 175 22.54 -9.57 6.69
C GLY A 175 22.68 -8.09 6.38
N LEU A 176 23.53 -7.78 5.41
CA LEU A 176 23.77 -6.40 5.01
C LEU A 176 23.91 -6.31 3.49
N MET A 194 11.25 3.98 2.93
CA MET A 194 12.03 3.04 3.72
C MET A 194 11.07 2.20 4.57
N PRO A 195 11.57 1.15 5.24
CA PRO A 195 10.70 0.40 6.16
C PRO A 195 10.64 1.02 7.55
N VAL A 196 10.47 2.35 7.59
CA VAL A 196 10.46 3.07 8.87
C VAL A 196 9.38 2.51 9.79
N LYS A 197 8.18 2.25 9.25
CA LYS A 197 7.07 1.76 10.04
C LYS A 197 7.34 0.39 10.67
N TRP A 198 8.41 -0.29 10.27
CA TRP A 198 8.78 -1.57 10.86
C TRP A 198 9.85 -1.45 11.95
N ILE A 199 10.38 -0.26 12.19
CA ILE A 199 11.50 -0.07 13.10
C ILE A 199 10.99 0.32 14.47
N ALA A 200 11.75 -0.03 15.50
CA ALA A 200 11.37 0.25 16.88
C ALA A 200 11.81 1.66 17.28
N ILE A 201 11.26 2.11 18.41
CA ILE A 201 11.52 3.47 18.88
C ILE A 201 12.98 3.62 19.30
N GLU A 202 13.54 2.61 19.95
CA GLU A 202 14.94 2.70 20.39
C GLU A 202 15.88 2.82 19.21
N SER A 203 15.50 2.26 18.06
CA SER A 203 16.31 2.40 16.85
C SER A 203 16.03 3.72 16.14
N LEU A 204 14.79 4.23 16.24
CA LEU A 204 14.50 5.53 15.65
C LEU A 204 15.18 6.66 16.41
N ALA A 205 15.44 6.47 17.70
CA ALA A 205 16.02 7.50 18.55
C ALA A 205 17.50 7.28 18.83
N ASP A 206 17.83 6.18 19.52
CA ASP A 206 19.20 5.92 19.92
C ASP A 206 20.06 5.31 18.81
N ARG A 207 19.47 5.02 17.65
CA ARG A 207 20.18 4.39 16.54
C ARG A 207 20.86 3.10 16.98
N VAL A 208 20.16 2.33 17.81
CA VAL A 208 20.64 1.04 18.29
C VAL A 208 19.65 -0.02 17.82
N TYR A 209 20.19 -1.14 17.34
CA TYR A 209 19.38 -2.23 16.81
C TYR A 209 19.73 -3.51 17.57
N THR A 210 18.78 -4.01 18.35
CA THR A 210 18.94 -5.23 19.11
C THR A 210 17.93 -6.28 18.61
N SER A 211 17.94 -7.44 19.26
CA SER A 211 16.98 -8.49 18.91
C SER A 211 15.55 -8.06 19.17
N LYS A 212 15.35 -7.20 20.17
CA LYS A 212 14.00 -6.75 20.50
C LYS A 212 13.43 -5.86 19.41
N SER A 213 14.27 -5.15 18.67
CA SER A 213 13.79 -4.44 17.48
C SER A 213 13.25 -5.42 16.45
N ASP A 214 13.95 -6.54 16.25
CA ASP A 214 13.41 -7.62 15.44
C ASP A 214 12.10 -8.15 16.01
N VAL A 215 11.94 -8.14 17.34
CA VAL A 215 10.67 -8.53 17.92
C VAL A 215 9.57 -7.56 17.51
N TRP A 216 9.88 -6.26 17.53
CA TRP A 216 8.94 -5.24 17.04
C TRP A 216 8.56 -5.52 15.60
N ALA A 217 9.56 -5.74 14.74
CA ALA A 217 9.27 -6.08 13.34
C ALA A 217 8.43 -7.33 13.23
N PHE A 218 8.58 -8.27 14.17
CA PHE A 218 7.77 -9.48 14.15
C PHE A 218 6.31 -9.18 14.50
N GLY A 219 6.09 -8.28 15.47
CA GLY A 219 4.74 -7.86 15.76
C GLY A 219 4.09 -7.16 14.57
N VAL A 220 4.83 -6.29 13.90
CA VAL A 220 4.29 -5.61 12.72
C VAL A 220 3.99 -6.62 11.63
N THR A 221 4.85 -7.63 11.47
CA THR A 221 4.62 -8.66 10.46
C THR A 221 3.38 -9.48 10.79
N MET A 222 3.18 -9.81 12.07
CA MET A 222 1.94 -10.46 12.50
C MET A 222 0.74 -9.59 12.16
N TRP A 223 0.85 -8.29 12.36
CA TRP A 223 -0.24 -7.38 11.99
C TRP A 223 -0.50 -7.43 10.49
N GLU A 224 0.55 -7.55 9.68
CA GLU A 224 0.38 -7.66 8.24
C GLU A 224 -0.34 -8.95 7.87
N ILE A 225 0.09 -10.08 8.45
CA ILE A 225 -0.50 -11.37 8.12
C ILE A 225 -1.95 -11.42 8.55
N ALA A 226 -2.27 -10.84 9.71
CA ALA A 226 -3.66 -10.79 10.13
C ALA A 226 -4.49 -9.89 9.22
N THR A 227 -3.96 -8.73 8.85
CA THR A 227 -4.62 -7.84 7.92
C THR A 227 -4.44 -8.24 6.47
N ARG A 228 -3.64 -9.27 6.20
CA ARG A 228 -3.46 -9.82 4.86
C ARG A 228 -2.92 -8.77 3.88
N GLY A 229 -1.89 -8.05 4.32
CA GLY A 229 -1.15 -7.16 3.44
C GLY A 229 -1.44 -5.68 3.59
N MET A 230 -2.16 -5.27 4.63
CA MET A 230 -2.41 -3.85 4.82
C MET A 230 -1.13 -3.11 5.16
N THR A 231 -0.95 -1.94 4.56
CA THR A 231 0.21 -1.12 4.87
C THR A 231 0.14 -0.66 6.32
N PRO A 232 1.20 -0.85 7.10
CA PRO A 232 1.15 -0.49 8.53
C PRO A 232 0.86 0.99 8.73
N TYR A 233 0.30 1.30 9.90
CA TYR A 233 -0.02 2.65 10.36
C TYR A 233 -0.72 3.46 9.27
N PRO A 234 -1.97 3.15 8.95
CA PRO A 234 -2.69 3.94 7.96
C PRO A 234 -3.04 5.32 8.49
N GLY A 235 -3.02 6.30 7.59
CA GLY A 235 -3.29 7.68 7.95
C GLY A 235 -2.13 8.42 8.58
N VAL A 236 -1.03 7.75 8.88
CA VAL A 236 0.16 8.36 9.49
C VAL A 236 1.30 8.23 8.49
N GLN A 237 1.87 9.37 8.09
CA GLN A 237 2.97 9.36 7.14
C GLN A 237 4.25 8.82 7.81
N ASN A 238 5.28 8.62 6.97
CA ASN A 238 6.50 7.98 7.45
C ASN A 238 7.29 8.89 8.39
N HIS A 239 7.18 10.20 8.24
CA HIS A 239 7.94 11.12 9.07
C HIS A 239 7.30 11.38 10.42
N GLU A 240 6.05 10.99 10.63
CA GLU A 240 5.36 11.18 11.90
C GLU A 240 5.46 9.96 12.81
N MET A 241 6.26 8.96 12.44
CA MET A 241 6.28 7.71 13.18
C MET A 241 6.73 7.92 14.62
N TYR A 242 7.94 8.45 14.80
CA TYR A 242 8.52 8.59 16.14
C TYR A 242 7.54 9.28 17.09
N ASP A 243 7.15 10.52 16.75
CA ASP A 243 6.17 11.23 17.57
C ASP A 243 4.92 10.41 17.80
N TYR A 244 4.42 9.76 16.74
CA TYR A 244 3.23 8.92 16.88
C TYR A 244 3.47 7.81 17.90
N LEU A 245 4.66 7.20 17.89
CA LEU A 245 4.96 6.18 18.87
C LEU A 245 5.39 6.78 20.20
N LEU A 246 5.94 8.00 20.19
CA LEU A 246 6.30 8.67 21.43
C LEU A 246 5.08 9.15 22.21
N HIS A 247 3.89 9.18 21.60
CA HIS A 247 2.65 9.43 22.33
C HIS A 247 1.91 8.15 22.69
N GLY A 248 2.59 6.99 22.63
CA GLY A 248 2.02 5.75 23.06
C GLY A 248 1.10 5.08 22.06
N HIS A 249 0.92 5.65 20.88
CA HIS A 249 0.02 5.08 19.88
C HIS A 249 0.75 3.99 19.10
N ARG A 250 0.20 2.79 19.13
CA ARG A 250 0.74 1.65 18.40
C ARG A 250 -0.25 1.20 17.33
N LEU A 251 0.06 0.10 16.67
CA LEU A 251 -0.82 -0.43 15.64
C LEU A 251 -2.12 -0.92 16.25
N LYS A 252 -3.25 -0.53 15.65
CA LYS A 252 -4.55 -0.84 16.20
C LYS A 252 -4.93 -2.29 15.86
N GLN A 253 -5.85 -2.82 16.66
CA GLN A 253 -6.29 -4.20 16.47
C GLN A 253 -7.13 -4.31 15.21
N PRO A 254 -6.84 -5.28 14.32
CA PRO A 254 -7.67 -5.45 13.12
C PRO A 254 -9.09 -5.88 13.44
N GLU A 255 -9.91 -6.01 12.41
CA GLU A 255 -11.33 -6.32 12.61
C GLU A 255 -11.52 -7.76 13.09
N ASP A 256 -11.08 -8.73 12.28
CA ASP A 256 -11.27 -10.14 12.57
C ASP A 256 -10.29 -10.69 13.60
N CYS A 257 -9.38 -9.86 14.09
CA CYS A 257 -8.31 -10.35 14.96
C CYS A 257 -8.86 -10.79 16.31
N LEU A 258 -8.14 -11.72 16.95
CA LEU A 258 -8.46 -12.21 18.27
C LEU A 258 -7.64 -11.49 19.33
N ASP A 259 -8.19 -11.44 20.54
CA ASP A 259 -7.53 -10.74 21.64
C ASP A 259 -6.19 -11.37 21.99
N GLU A 260 -6.05 -12.69 21.83
CA GLU A 260 -4.77 -13.33 22.06
C GLU A 260 -3.74 -12.86 21.05
N LEU A 261 -4.09 -12.87 19.76
CA LEU A 261 -3.19 -12.40 18.72
C LEU A 261 -2.78 -10.95 18.97
N TYR A 262 -3.75 -10.09 19.30
CA TYR A 262 -3.41 -8.70 19.52
C TYR A 262 -2.59 -8.49 20.78
N GLU A 263 -2.74 -9.37 21.77
CA GLU A 263 -1.87 -9.29 22.94
C GLU A 263 -0.44 -9.68 22.58
N ILE A 264 -0.29 -10.73 21.76
CA ILE A 264 1.04 -11.14 21.31
C ILE A 264 1.69 -10.02 20.50
N MET A 265 0.93 -9.37 19.63
CA MET A 265 1.49 -8.25 18.86
C MET A 265 1.83 -7.07 19.77
N TYR A 266 0.95 -6.74 20.71
CA TYR A 266 1.15 -5.58 21.57
C TYR A 266 2.34 -5.76 22.49
N SER A 267 2.64 -7.00 22.90
CA SER A 267 3.80 -7.23 23.74
C SER A 267 5.10 -6.86 23.02
N CYS A 268 5.10 -6.91 21.69
CA CYS A 268 6.29 -6.58 20.92
C CYS A 268 6.49 -5.09 20.75
N TRP A 269 5.44 -4.28 20.93
CA TRP A 269 5.50 -2.84 20.70
C TRP A 269 5.64 -2.06 22.00
N ARG A 270 6.06 -2.71 23.08
CA ARG A 270 6.25 -2.02 24.35
C ARG A 270 7.46 -1.10 24.26
N THR A 271 7.45 -0.07 25.11
CA THR A 271 8.48 0.96 25.04
C THR A 271 9.85 0.42 25.45
N ASP A 272 9.89 -0.44 26.48
CA ASP A 272 11.16 -0.91 27.02
C ASP A 272 11.43 -2.32 26.54
N PRO A 273 12.56 -2.57 25.85
CA PRO A 273 12.82 -3.91 25.31
C PRO A 273 12.83 -5.00 26.37
N LEU A 274 13.24 -4.68 27.60
CA LEU A 274 13.25 -5.68 28.66
C LEU A 274 11.86 -6.26 28.90
N ASP A 275 10.82 -5.42 28.75
CA ASP A 275 9.46 -5.92 28.94
C ASP A 275 8.95 -6.70 27.74
N ARG A 276 9.62 -6.62 26.58
CA ARG A 276 9.18 -7.36 25.41
C ARG A 276 9.53 -8.83 25.54
N PRO A 277 8.72 -9.72 24.96
CA PRO A 277 9.03 -11.14 25.00
C PRO A 277 10.10 -11.52 24.00
N THR A 278 10.70 -12.69 24.25
CA THR A 278 11.72 -13.24 23.38
C THR A 278 11.07 -14.15 22.32
N PHE A 279 11.80 -14.35 21.22
CA PHE A 279 11.25 -15.11 20.10
C PHE A 279 10.85 -16.53 20.51
N SER A 280 11.54 -17.11 21.49
CA SER A 280 11.16 -18.44 21.97
C SER A 280 9.77 -18.40 22.62
N VAL A 281 9.57 -17.45 23.53
CA VAL A 281 8.28 -17.31 24.22
C VAL A 281 7.18 -17.01 23.21
N LEU A 282 7.44 -16.10 22.27
CA LEU A 282 6.45 -15.80 21.23
C LEU A 282 6.09 -17.05 20.43
N ARG A 283 7.10 -17.80 20.00
CA ARG A 283 6.86 -19.00 19.22
C ARG A 283 6.01 -20.01 19.99
N LEU A 284 6.29 -20.20 21.27
CA LEU A 284 5.48 -21.13 22.05
C LEU A 284 4.05 -20.62 22.22
N GLN A 285 3.89 -19.31 22.42
CA GLN A 285 2.56 -18.74 22.55
C GLN A 285 1.73 -18.99 21.29
N LEU A 286 2.27 -18.63 20.12
CA LEU A 286 1.54 -18.85 18.88
C LEU A 286 1.30 -20.33 18.63
N GLU A 287 2.24 -21.19 19.03
CA GLU A 287 2.06 -22.63 18.85
C GLU A 287 0.87 -23.14 19.66
N LYS A 288 0.81 -22.80 20.94
CA LYS A 288 -0.32 -23.25 21.77
C LYS A 288 -1.63 -22.67 21.26
N LEU A 289 -1.63 -21.38 20.89
CA LEU A 289 -2.84 -20.79 20.33
C LEU A 289 -3.31 -21.53 19.10
N LEU A 290 -2.38 -21.97 18.25
CA LEU A 290 -2.77 -22.78 17.10
C LEU A 290 -3.26 -24.15 17.52
N GLU A 291 -2.71 -24.70 18.61
CA GLU A 291 -3.18 -25.98 19.12
C GLU A 291 -4.66 -25.90 19.50
N SER A 292 -5.07 -24.81 20.17
CA SER A 292 -6.43 -24.73 20.68
C SER A 292 -7.50 -24.57 19.60
N LEU A 293 -7.12 -24.52 18.30
CA LEU A 293 -8.16 -24.23 17.31
C LEU A 293 -8.61 -25.50 16.60
N PRO A 294 -9.88 -25.54 16.20
CA PRO A 294 -10.39 -26.71 15.47
C PRO A 294 -9.64 -26.90 14.15
N ASP A 295 -9.63 -28.15 13.69
CA ASP A 295 -8.89 -28.52 12.49
C ASP A 295 -9.53 -27.97 11.23
N ASN B 7 -16.59 38.79 -19.42
CA ASN B 7 -15.72 37.65 -19.13
C ASN B 7 -14.78 37.95 -17.96
N LYS B 8 -15.30 38.64 -16.95
CA LYS B 8 -14.52 38.93 -15.76
C LYS B 8 -14.41 37.69 -14.88
N LEU B 9 -13.31 37.63 -14.12
CA LEU B 9 -13.06 36.45 -13.29
C LEU B 9 -12.51 36.82 -11.91
N GLU B 10 -12.75 38.05 -11.44
CA GLU B 10 -12.32 38.43 -10.10
C GLU B 10 -13.23 37.90 -9.02
N ASP B 11 -14.31 37.20 -9.37
CA ASP B 11 -15.04 36.43 -8.37
C ASP B 11 -14.26 35.20 -7.95
N VAL B 12 -13.48 34.63 -8.88
CA VAL B 12 -12.64 33.48 -8.55
C VAL B 12 -11.50 33.90 -7.64
N VAL B 13 -10.95 35.09 -7.86
CA VAL B 13 -9.86 35.56 -7.03
C VAL B 13 -10.40 35.98 -5.66
N ILE B 14 -9.57 35.85 -4.64
CA ILE B 14 -9.95 36.19 -3.27
C ILE B 14 -8.71 36.73 -2.57
N ASP B 15 -8.86 37.87 -1.90
CA ASP B 15 -7.73 38.58 -1.34
C ASP B 15 -7.06 37.76 -0.23
N ARG B 16 -5.74 37.92 -0.13
CA ARG B 16 -4.96 37.24 0.90
C ARG B 16 -5.36 37.68 2.30
N ASN B 17 -6.01 38.84 2.43
CA ASN B 17 -6.37 39.36 3.75
C ASN B 17 -7.35 38.44 4.46
N LEU B 18 -8.33 37.91 3.74
CA LEU B 18 -9.31 37.00 4.31
C LEU B 18 -8.82 35.56 4.37
N LEU B 19 -7.51 35.36 4.21
CA LEU B 19 -6.90 34.04 4.24
C LEU B 19 -5.89 33.99 5.38
N ILE B 20 -6.12 33.12 6.35
CA ILE B 20 -5.26 33.00 7.51
C ILE B 20 -4.79 31.55 7.59
N LEU B 21 -3.73 31.23 6.85
CA LEU B 21 -3.34 29.84 6.64
C LEU B 21 -2.89 29.19 7.95
N GLY B 22 -2.99 27.87 7.99
CA GLY B 22 -2.62 27.13 9.18
C GLY B 22 -1.58 26.05 8.93
N LYS B 23 -1.81 24.86 9.48
CA LYS B 23 -0.85 23.78 9.41
C LYS B 23 -0.97 23.02 8.09
N ILE B 24 -0.03 22.12 7.86
CA ILE B 24 -0.03 21.27 6.68
C ILE B 24 -0.72 19.96 7.02
N LEU B 25 -1.80 19.67 6.29
CA LEU B 25 -2.54 18.42 6.42
C LEU B 25 -1.94 17.30 5.57
N GLY B 26 -0.95 17.60 4.75
CA GLY B 26 -0.38 16.62 3.84
C GLY B 26 0.29 17.27 2.65
N GLU B 27 1.53 16.87 2.37
CA GLU B 27 2.28 17.38 1.24
C GLU B 27 2.07 16.48 0.02
N GLY B 28 2.48 16.97 -1.13
CA GLY B 28 2.32 16.23 -2.36
C GLY B 28 3.30 16.67 -3.42
N GLU B 29 2.94 16.39 -4.67
CA GLU B 29 3.80 16.69 -5.80
C GLU B 29 3.73 18.19 -6.12
N PHE B 30 4.78 18.92 -5.73
CA PHE B 30 4.88 20.36 -5.98
C PHE B 30 3.68 21.13 -5.42
N GLY B 31 3.02 20.57 -4.41
CA GLY B 31 1.85 21.19 -3.85
C GLY B 31 1.47 20.54 -2.53
N SER B 32 0.96 21.36 -1.62
CA SER B 32 0.58 20.90 -0.29
C SER B 32 -0.87 21.29 -0.03
N VAL B 33 -1.50 20.55 0.87
CA VAL B 33 -2.84 20.86 1.34
C VAL B 33 -2.72 21.38 2.77
N MET B 34 -3.21 22.60 3.00
CA MET B 34 -3.14 23.24 4.30
C MET B 34 -4.54 23.57 4.79
N GLU B 35 -4.65 23.88 6.08
CA GLU B 35 -5.91 24.30 6.68
C GLU B 35 -5.96 25.82 6.77
N GLY B 36 -7.17 26.36 6.77
CA GLY B 36 -7.30 27.80 6.88
C GLY B 36 -8.71 28.20 7.29
N ASN B 37 -8.85 29.47 7.66
CA ASN B 37 -10.14 30.08 7.95
C ASN B 37 -10.37 31.21 6.94
N LEU B 38 -11.37 31.05 6.09
CA LEU B 38 -11.74 32.06 5.11
C LEU B 38 -12.86 32.92 5.68
N LYS B 39 -12.63 34.22 5.77
CA LYS B 39 -13.67 35.14 6.20
C LYS B 39 -14.55 35.51 5.02
N GLN B 40 -15.85 35.64 5.28
CA GLN B 40 -16.85 35.85 4.24
C GLN B 40 -17.61 37.15 4.48
N GLU B 41 -18.51 37.47 3.55
CA GLU B 41 -19.36 38.65 3.70
C GLU B 41 -20.33 38.51 4.85
N ASP B 42 -20.63 37.29 5.28
CA ASP B 42 -21.47 37.08 6.46
C ASP B 42 -20.84 37.64 7.71
N GLY B 43 -19.54 37.90 7.71
CA GLY B 43 -18.80 38.14 8.92
C GLY B 43 -18.38 36.88 9.65
N THR B 44 -18.66 35.72 9.09
CA THR B 44 -18.34 34.43 9.69
C THR B 44 -17.17 33.79 8.95
N SER B 45 -16.25 33.21 9.72
CA SER B 45 -15.12 32.50 9.14
C SER B 45 -15.47 31.02 8.99
N LEU B 46 -15.06 30.45 7.86
CA LEU B 46 -15.33 29.05 7.55
C LEU B 46 -14.03 28.28 7.41
N LYS B 47 -14.07 26.99 7.78
CA LYS B 47 -12.90 26.13 7.63
C LYS B 47 -12.73 25.74 6.18
N VAL B 48 -11.52 25.92 5.66
CA VAL B 48 -11.22 25.67 4.25
C VAL B 48 -9.92 24.90 4.13
N ALA B 49 -9.82 24.13 3.04
CA ALA B 49 -8.59 23.46 2.65
C ALA B 49 -7.98 24.22 1.48
N VAL B 50 -6.68 24.51 1.59
CA VAL B 50 -5.97 25.35 0.63
C VAL B 50 -4.87 24.53 -0.02
N LYS B 51 -4.99 24.30 -1.33
CA LYS B 51 -3.98 23.60 -2.12
C LYS B 51 -2.98 24.62 -2.64
N THR B 52 -1.75 24.55 -2.15
CA THR B 52 -0.71 25.47 -2.63
C THR B 52 -0.39 25.20 -4.09
N MET B 53 -0.23 23.94 -4.46
CA MET B 53 0.11 23.50 -5.83
C MET B 53 1.05 24.45 -6.57
N ILE B 63 -0.94 31.56 -15.63
CA ILE B 63 -1.72 32.10 -14.52
C ILE B 63 -3.13 32.44 -14.98
N GLU B 64 -3.22 33.08 -16.15
CA GLU B 64 -4.53 33.46 -16.69
C GLU B 64 -5.34 32.22 -17.04
N GLU B 65 -4.69 31.20 -17.61
CA GLU B 65 -5.39 29.97 -17.97
C GLU B 65 -5.90 29.25 -16.73
N PHE B 66 -5.10 29.21 -15.67
CA PHE B 66 -5.51 28.53 -14.45
C PHE B 66 -6.70 29.22 -13.79
N LEU B 67 -6.68 30.55 -13.73
CA LEU B 67 -7.82 31.28 -13.17
C LEU B 67 -9.04 31.16 -14.05
N SER B 68 -8.87 31.09 -15.37
CA SER B 68 -10.02 30.97 -16.26
C SER B 68 -10.66 29.59 -16.16
N GLU B 69 -9.85 28.55 -15.96
CA GLU B 69 -10.40 27.21 -15.74
C GLU B 69 -11.07 27.12 -14.38
N ALA B 70 -10.40 27.65 -13.35
CA ALA B 70 -11.00 27.74 -12.02
C ALA B 70 -12.31 28.51 -12.04
N ALA B 71 -12.48 29.43 -13.00
CA ALA B 71 -13.76 30.10 -13.15
C ALA B 71 -14.87 29.12 -13.52
N CYS B 72 -14.58 28.20 -14.44
CA CYS B 72 -15.55 27.16 -14.77
C CYS B 72 -15.79 26.24 -13.58
N MET B 73 -14.74 25.94 -12.82
CA MET B 73 -14.94 25.08 -11.64
C MET B 73 -15.80 25.74 -10.58
N LYS B 74 -15.70 27.07 -10.44
CA LYS B 74 -16.40 27.76 -9.37
C LYS B 74 -17.91 27.77 -9.59
N ASP B 75 -18.35 27.69 -10.84
CA ASP B 75 -19.77 27.72 -11.15
C ASP B 75 -20.45 26.36 -11.00
N PHE B 76 -19.71 25.32 -10.62
CA PHE B 76 -20.30 24.00 -10.46
C PHE B 76 -21.02 23.89 -9.12
N SER B 77 -22.27 23.43 -9.16
CA SER B 77 -23.10 23.29 -7.97
C SER B 77 -23.78 21.93 -8.02
N HIS B 78 -23.14 20.92 -7.42
CA HIS B 78 -23.68 19.57 -7.36
C HIS B 78 -23.33 18.97 -6.01
N PRO B 79 -24.25 18.21 -5.41
CA PRO B 79 -23.98 17.64 -4.08
C PRO B 79 -22.79 16.69 -4.05
N ASN B 80 -22.48 16.03 -5.16
CA ASN B 80 -21.40 15.05 -5.21
C ASN B 80 -20.17 15.57 -5.94
N VAL B 81 -20.10 16.88 -6.20
CA VAL B 81 -18.92 17.50 -6.80
C VAL B 81 -18.43 18.59 -5.86
N MET B 82 -17.11 18.67 -5.71
CA MET B 82 -16.51 19.71 -4.88
C MET B 82 -16.77 21.08 -5.50
N ARG B 83 -17.03 22.06 -4.64
CA ARG B 83 -17.20 23.44 -5.08
C ARG B 83 -15.92 24.21 -4.82
N LEU B 84 -15.64 25.17 -5.69
CA LEU B 84 -14.42 25.98 -5.60
C LEU B 84 -14.77 27.29 -4.93
N LEU B 85 -14.34 27.46 -3.68
CA LEU B 85 -14.59 28.71 -2.97
C LEU B 85 -13.82 29.87 -3.60
N GLY B 86 -12.57 29.64 -3.99
CA GLY B 86 -11.86 30.68 -4.68
C GLY B 86 -10.42 30.28 -4.98
N VAL B 87 -9.68 31.25 -5.50
CA VAL B 87 -8.26 31.12 -5.80
C VAL B 87 -7.55 32.39 -5.34
N CYS B 88 -6.56 32.23 -4.47
CA CYS B 88 -5.74 33.33 -3.98
C CYS B 88 -4.33 33.19 -4.53
N ILE B 89 -3.81 34.26 -5.12
CA ILE B 89 -2.48 34.30 -5.70
C ILE B 89 -1.58 35.09 -4.78
N GLU B 90 -0.42 34.51 -4.42
CA GLU B 90 0.53 35.20 -3.56
C GLU B 90 1.94 34.90 -4.03
N MET B 91 2.61 35.90 -4.60
CA MET B 91 3.97 35.71 -5.09
C MET B 91 4.99 35.77 -3.96
N SER B 92 4.67 36.48 -2.88
CA SER B 92 5.59 36.59 -1.75
C SER B 92 4.85 36.42 -0.43
N LYS B 98 2.76 32.02 -7.93
CA LYS B 98 2.49 31.11 -6.82
C LYS B 98 1.02 31.17 -6.44
N PRO B 99 0.22 30.28 -7.02
CA PRO B 99 -1.22 30.25 -6.77
C PRO B 99 -1.54 29.46 -5.50
N MET B 100 -2.84 29.46 -5.17
CA MET B 100 -3.36 28.74 -4.00
C MET B 100 -4.86 28.60 -4.20
N VAL B 101 -5.38 27.39 -4.03
CA VAL B 101 -6.78 27.09 -4.32
C VAL B 101 -7.52 26.85 -3.01
N ILE B 102 -8.62 27.56 -2.81
CA ILE B 102 -9.40 27.50 -1.58
C ILE B 102 -10.68 26.73 -1.85
N LEU B 103 -10.78 25.55 -1.23
CA LEU B 103 -11.92 24.65 -1.30
C LEU B 103 -12.50 24.44 0.10
N PRO B 104 -13.70 23.88 0.24
CA PRO B 104 -14.23 23.61 1.58
C PRO B 104 -13.40 22.56 2.31
N PHE B 105 -13.59 22.52 3.63
CA PHE B 105 -12.89 21.58 4.50
C PHE B 105 -13.81 20.41 4.85
N MET B 106 -13.29 19.20 4.71
CA MET B 106 -14.03 17.97 5.03
C MET B 106 -13.33 17.31 6.21
N LYS B 107 -14.00 17.30 7.37
CA LYS B 107 -13.38 16.76 8.57
C LYS B 107 -13.28 15.24 8.53
N TYR B 108 -14.18 14.57 7.80
CA TYR B 108 -14.15 13.12 7.72
C TYR B 108 -13.08 12.60 6.76
N GLY B 109 -12.53 13.47 5.91
CA GLY B 109 -11.37 13.10 5.11
C GLY B 109 -11.72 12.33 3.86
N ASP B 110 -10.66 11.77 3.25
CA ASP B 110 -10.81 11.00 2.02
C ASP B 110 -11.47 9.65 2.31
N LEU B 111 -11.91 9.00 1.23
CA LEU B 111 -12.59 7.71 1.38
C LEU B 111 -11.60 6.56 1.53
N HIS B 112 -10.40 6.68 0.98
CA HIS B 112 -9.42 5.59 1.06
C HIS B 112 -9.01 5.33 2.49
N THR B 113 -8.54 6.37 3.18
CA THR B 113 -8.15 6.23 4.58
C THR B 113 -9.32 5.77 5.44
N TYR B 114 -10.54 6.19 5.10
CA TYR B 114 -11.72 5.75 5.84
C TYR B 114 -11.95 4.26 5.67
N LEU B 115 -11.85 3.77 4.43
CA LEU B 115 -12.01 2.35 4.17
C LEU B 115 -10.94 1.53 4.88
N LEU B 116 -9.71 2.05 4.93
CA LEU B 116 -8.66 1.34 5.66
C LEU B 116 -8.92 1.35 7.17
N TYR B 117 -9.40 2.47 7.69
CA TYR B 117 -9.70 2.56 9.12
C TYR B 117 -10.87 1.67 9.52
N SER B 118 -11.79 1.42 8.60
CA SER B 118 -12.94 0.58 8.92
C SER B 118 -12.53 -0.85 9.27
N ARG B 119 -11.40 -1.31 8.73
CA ARG B 119 -10.90 -2.64 9.03
C ARG B 119 -10.18 -2.72 10.37
N LEU B 120 -10.01 -1.59 11.06
CA LEU B 120 -9.40 -1.55 12.37
C LEU B 120 -10.48 -1.35 13.43
N GLU B 121 -10.14 -1.72 14.67
CA GLU B 121 -11.14 -1.71 15.73
C GLU B 121 -11.48 -0.30 16.18
N THR B 122 -10.48 0.59 16.23
CA THR B 122 -10.73 1.95 16.67
C THR B 122 -11.60 2.71 15.67
N GLY B 123 -11.39 2.50 14.38
CA GLY B 123 -12.15 3.16 13.36
C GLY B 123 -13.58 2.66 13.28
N PRO B 124 -14.25 2.94 12.16
CA PRO B 124 -15.65 2.54 12.00
C PRO B 124 -15.81 1.03 12.00
N LYS B 125 -17.06 0.60 12.06
CA LYS B 125 -17.38 -0.83 12.05
C LYS B 125 -17.37 -1.34 10.61
N HIS B 126 -17.92 -2.53 10.40
CA HIS B 126 -18.00 -3.12 9.07
C HIS B 126 -18.90 -2.31 8.15
N ILE B 127 -18.31 -1.65 7.16
CA ILE B 127 -19.07 -0.90 6.17
C ILE B 127 -19.84 -1.88 5.29
N PRO B 128 -21.16 -1.86 5.32
CA PRO B 128 -21.93 -2.82 4.51
C PRO B 128 -21.91 -2.46 3.04
N LEU B 129 -22.33 -3.44 2.23
CA LEU B 129 -22.33 -3.26 0.78
C LEU B 129 -23.29 -2.16 0.36
N GLN B 130 -24.32 -1.87 1.17
CA GLN B 130 -25.20 -0.75 0.85
C GLN B 130 -24.48 0.58 0.98
N THR B 131 -23.61 0.70 1.98
CA THR B 131 -22.85 1.93 2.16
C THR B 131 -21.75 2.07 1.12
N LEU B 132 -21.04 0.96 0.84
CA LEU B 132 -20.02 1.00 -0.21
C LEU B 132 -20.63 1.35 -1.56
N LEU B 133 -21.73 0.67 -1.92
CA LEU B 133 -22.40 0.96 -3.17
C LEU B 133 -22.97 2.37 -3.20
N LYS B 134 -23.43 2.88 -2.05
CA LYS B 134 -23.88 4.27 -1.99
C LYS B 134 -22.72 5.22 -2.27
N PHE B 135 -21.53 4.89 -1.77
CA PHE B 135 -20.34 5.68 -2.10
C PHE B 135 -20.11 5.69 -3.61
N MET B 136 -20.13 4.50 -4.23
CA MET B 136 -19.93 4.42 -5.68
C MET B 136 -21.00 5.21 -6.43
N VAL B 137 -22.24 5.20 -5.94
CA VAL B 137 -23.31 5.96 -6.60
C VAL B 137 -23.06 7.44 -6.47
N ASP B 138 -22.55 7.89 -5.32
CA ASP B 138 -22.20 9.30 -5.16
C ASP B 138 -21.15 9.72 -6.17
N ILE B 139 -20.04 8.96 -6.23
CA ILE B 139 -18.99 9.29 -7.20
C ILE B 139 -19.52 9.22 -8.62
N ALA B 140 -20.48 8.33 -8.88
CA ALA B 140 -21.05 8.21 -10.22
C ALA B 140 -21.90 9.42 -10.58
N LEU B 141 -22.65 9.95 -9.60
CA LEU B 141 -23.45 11.14 -9.87
C LEU B 141 -22.56 12.36 -10.07
N GLY B 142 -21.50 12.49 -9.27
CA GLY B 142 -20.57 13.60 -9.48
C GLY B 142 -19.89 13.54 -10.83
N MET B 143 -19.28 12.39 -11.15
CA MET B 143 -18.60 12.25 -12.43
C MET B 143 -19.57 12.35 -13.60
N GLU B 144 -20.83 11.95 -13.39
CA GLU B 144 -21.84 12.13 -14.43
C GLU B 144 -22.17 13.60 -14.62
N TYR B 145 -22.21 14.37 -13.53
CA TYR B 145 -22.40 15.81 -13.66
C TYR B 145 -21.27 16.44 -14.45
N LEU B 146 -20.02 16.13 -14.08
CA LEU B 146 -18.88 16.69 -14.80
C LEU B 146 -18.83 16.21 -16.24
N SER B 147 -19.36 15.02 -16.54
CA SER B 147 -19.35 14.51 -17.91
C SER B 147 -20.41 15.19 -18.75
N ASN B 148 -21.64 15.28 -18.23
CA ASN B 148 -22.71 15.98 -18.93
C ASN B 148 -22.42 17.47 -19.09
N ARG B 149 -21.57 18.04 -18.24
CA ARG B 149 -21.08 19.40 -18.43
C ARG B 149 -19.74 19.45 -19.14
N ASN B 150 -19.30 18.33 -19.72
CA ASN B 150 -18.09 18.26 -20.54
C ASN B 150 -16.85 18.75 -19.77
N PHE B 151 -16.66 18.19 -18.58
CA PHE B 151 -15.48 18.46 -17.77
C PHE B 151 -14.81 17.14 -17.44
N LEU B 152 -13.49 17.09 -17.59
CA LEU B 152 -12.72 15.88 -17.34
C LEU B 152 -11.93 16.00 -16.04
N HIS B 153 -11.86 14.89 -15.31
CA HIS B 153 -11.22 14.86 -14.00
C HIS B 153 -9.72 14.57 -14.08
N ARG B 154 -9.34 13.57 -14.87
CA ARG B 154 -7.97 13.09 -15.06
C ARG B 154 -7.32 12.54 -13.80
N ASP B 155 -7.99 12.71 -12.65
CA ASP B 155 -7.48 12.19 -11.37
C ASP B 155 -8.69 11.69 -10.57
N LEU B 156 -8.96 10.39 -10.64
CA LEU B 156 -10.08 9.83 -9.90
C LEU B 156 -9.60 8.62 -9.11
N ALA B 157 -9.83 8.67 -7.79
CA ALA B 157 -9.47 7.58 -6.91
C ALA B 157 -10.13 7.85 -5.57
N ALA B 158 -10.17 6.82 -4.72
CA ALA B 158 -10.73 6.99 -3.38
C ALA B 158 -9.94 8.02 -2.58
N ARG B 159 -8.64 8.15 -2.84
CA ARG B 159 -7.85 9.17 -2.19
C ARG B 159 -8.26 10.57 -2.63
N ASN B 160 -8.75 10.72 -3.86
CA ASN B 160 -9.21 11.99 -4.38
C ASN B 160 -10.72 12.16 -4.26
N CYS B 161 -11.40 11.25 -3.57
CA CYS B 161 -12.82 11.36 -3.28
C CYS B 161 -12.98 11.63 -1.79
N MET B 162 -13.67 12.71 -1.44
CA MET B 162 -13.73 13.17 -0.06
C MET B 162 -15.09 12.86 0.54
N LEU B 163 -15.11 12.68 1.86
CA LEU B 163 -16.34 12.44 2.61
C LEU B 163 -16.78 13.73 3.30
N ARG B 164 -18.06 14.05 3.19
CA ARG B 164 -18.62 15.25 3.79
C ARG B 164 -19.11 14.94 5.20
N ASP B 165 -19.79 15.91 5.82
CA ASP B 165 -20.30 15.71 7.18
C ASP B 165 -21.55 14.84 7.23
N ASP B 166 -22.20 14.59 6.10
CA ASP B 166 -23.35 13.70 6.03
C ASP B 166 -22.98 12.30 5.55
N MET B 167 -21.69 11.95 5.59
CA MET B 167 -21.19 10.64 5.17
C MET B 167 -21.52 10.36 3.70
N THR B 168 -21.44 11.39 2.88
CA THR B 168 -21.57 11.25 1.43
C THR B 168 -20.25 11.61 0.78
N VAL B 169 -20.01 11.04 -0.40
CA VAL B 169 -18.76 11.21 -1.12
C VAL B 169 -18.94 12.26 -2.21
N CYS B 170 -17.99 13.18 -2.30
CA CYS B 170 -17.93 14.16 -3.36
C CYS B 170 -16.58 14.06 -4.06
N VAL B 171 -16.60 14.21 -5.38
CA VAL B 171 -15.36 14.16 -6.15
C VAL B 171 -14.60 15.46 -5.95
N ALA B 172 -13.28 15.37 -6.06
CA ALA B 172 -12.41 16.52 -5.86
C ALA B 172 -11.12 16.31 -6.64
N ASP B 173 -10.27 17.35 -6.62
CA ASP B 173 -8.94 17.31 -7.24
C ASP B 173 -9.04 17.17 -8.75
N PHE B 174 -9.92 17.97 -9.36
CA PHE B 174 -10.01 18.02 -10.81
C PHE B 174 -9.38 19.30 -11.35
N GLY B 175 -8.88 19.21 -12.59
CA GLY B 175 -8.22 20.33 -13.23
C GLY B 175 -6.86 20.64 -12.66
N PRO B 195 0.10 7.56 -10.20
CA PRO B 195 -1.30 7.32 -10.53
C PRO B 195 -1.48 6.45 -11.77
N VAL B 196 -0.39 5.84 -12.23
CA VAL B 196 -0.39 5.07 -13.47
C VAL B 196 -1.51 4.03 -13.47
N LYS B 197 -1.65 3.29 -12.38
CA LYS B 197 -2.63 2.21 -12.30
C LYS B 197 -4.08 2.70 -12.38
N TRP B 198 -4.32 4.00 -12.33
CA TRP B 198 -5.68 4.53 -12.50
C TRP B 198 -5.93 5.04 -13.91
N ILE B 199 -4.95 4.94 -14.81
CA ILE B 199 -5.08 5.47 -16.16
C ILE B 199 -5.51 4.35 -17.11
N ALA B 200 -6.24 4.71 -18.16
CA ALA B 200 -6.71 3.75 -19.14
C ALA B 200 -5.63 3.47 -20.17
N ILE B 201 -5.88 2.42 -20.98
CA ILE B 201 -4.87 1.95 -21.91
C ILE B 201 -4.66 2.95 -23.04
N GLU B 202 -5.74 3.59 -23.51
CA GLU B 202 -5.61 4.58 -24.57
C GLU B 202 -4.78 5.77 -24.12
N SER B 203 -4.86 6.14 -22.85
CA SER B 203 -4.11 7.28 -22.34
C SER B 203 -2.68 6.90 -21.99
N LEU B 204 -2.46 5.69 -21.49
CA LEU B 204 -1.09 5.23 -21.28
C LEU B 204 -0.37 4.97 -22.59
N ALA B 205 -1.12 4.77 -23.68
CA ALA B 205 -0.53 4.48 -24.98
C ALA B 205 -0.31 5.76 -25.80
N ASP B 206 -1.39 6.48 -26.12
CA ASP B 206 -1.32 7.64 -26.99
C ASP B 206 -1.64 8.95 -26.28
N ARG B 207 -1.93 8.93 -24.98
CA ARG B 207 -2.27 10.12 -24.20
C ARG B 207 -3.49 10.85 -24.80
N VAL B 208 -4.63 10.16 -24.76
CA VAL B 208 -5.85 10.67 -25.36
C VAL B 208 -6.75 11.24 -24.27
N TYR B 209 -7.14 10.38 -23.34
CA TYR B 209 -7.79 10.78 -22.09
C TYR B 209 -9.12 11.49 -22.35
N THR B 210 -10.09 10.71 -22.83
CA THR B 210 -11.46 11.16 -23.00
C THR B 210 -12.23 10.90 -21.70
N SER B 211 -13.55 11.04 -21.76
CA SER B 211 -14.38 10.76 -20.59
C SER B 211 -14.33 9.28 -20.21
N LYS B 212 -14.18 8.40 -21.21
CA LYS B 212 -14.10 6.97 -20.93
C LYS B 212 -12.87 6.63 -20.10
N SER B 213 -11.84 7.46 -20.13
CA SER B 213 -10.72 7.30 -19.21
C SER B 213 -11.16 7.54 -17.78
N ASP B 214 -11.99 8.56 -17.56
CA ASP B 214 -12.58 8.76 -16.23
C ASP B 214 -13.50 7.61 -15.86
N VAL B 215 -14.12 6.96 -16.85
CA VAL B 215 -14.90 5.77 -16.56
C VAL B 215 -13.99 4.64 -16.08
N TRP B 216 -12.84 4.47 -16.73
CA TRP B 216 -11.85 3.49 -16.29
C TRP B 216 -11.41 3.77 -14.86
N ALA B 217 -11.04 5.02 -14.58
CA ALA B 217 -10.67 5.39 -13.22
C ALA B 217 -11.81 5.15 -12.23
N PHE B 218 -13.06 5.27 -12.70
CA PHE B 218 -14.19 4.95 -11.84
C PHE B 218 -14.25 3.47 -11.52
N GLY B 219 -13.97 2.62 -12.52
CA GLY B 219 -13.91 1.19 -12.25
C GLY B 219 -12.82 0.84 -11.27
N VAL B 220 -11.64 1.46 -11.41
CA VAL B 220 -10.56 1.22 -10.46
C VAL B 220 -10.96 1.69 -9.07
N THR B 221 -11.67 2.82 -9.00
CA THR B 221 -12.14 3.32 -7.71
C THR B 221 -13.12 2.33 -7.07
N MET B 222 -14.03 1.77 -7.87
CA MET B 222 -14.94 0.76 -7.35
C MET B 222 -14.19 -0.47 -6.86
N TRP B 223 -13.11 -0.84 -7.56
CA TRP B 223 -12.27 -1.92 -7.07
C TRP B 223 -11.65 -1.56 -5.72
N GLU B 224 -11.25 -0.30 -5.55
CA GLU B 224 -10.72 0.15 -4.26
C GLU B 224 -11.76 0.03 -3.16
N ILE B 225 -12.98 0.51 -3.42
CA ILE B 225 -14.02 0.49 -2.40
C ILE B 225 -14.41 -0.93 -2.04
N ALA B 226 -14.48 -1.82 -3.03
CA ALA B 226 -14.80 -3.21 -2.75
C ALA B 226 -13.67 -3.87 -1.95
N THR B 227 -12.42 -3.59 -2.32
CA THR B 227 -11.28 -4.16 -1.60
C THR B 227 -10.94 -3.39 -0.33
N ARG B 228 -11.60 -2.26 -0.08
CA ARG B 228 -11.40 -1.47 1.14
C ARG B 228 -9.94 -1.00 1.28
N GLY B 229 -9.43 -0.39 0.21
CA GLY B 229 -8.14 0.27 0.26
C GLY B 229 -6.96 -0.50 -0.31
N MET B 230 -7.18 -1.59 -1.03
CA MET B 230 -6.08 -2.31 -1.65
C MET B 230 -5.48 -1.50 -2.79
N THR B 231 -4.16 -1.48 -2.86
CA THR B 231 -3.48 -0.86 -3.98
C THR B 231 -3.79 -1.65 -5.25
N PRO B 232 -4.25 -1.00 -6.32
CA PRO B 232 -4.67 -1.75 -7.52
C PRO B 232 -3.53 -2.55 -8.12
N TYR B 233 -3.91 -3.61 -8.83
CA TYR B 233 -3.01 -4.51 -9.54
C TYR B 233 -1.87 -4.98 -8.64
N PRO B 234 -2.14 -5.81 -7.63
CA PRO B 234 -1.06 -6.32 -6.78
C PRO B 234 -0.17 -7.29 -7.53
N GLY B 235 1.11 -7.28 -7.18
CA GLY B 235 2.09 -8.12 -7.85
C GLY B 235 2.56 -7.62 -9.19
N VAL B 236 1.99 -6.52 -9.69
CA VAL B 236 2.38 -5.93 -10.97
C VAL B 236 2.93 -4.54 -10.70
N GLN B 237 4.16 -4.30 -11.14
CA GLN B 237 4.79 -3.00 -10.94
C GLN B 237 4.14 -1.96 -11.85
N ASN B 238 4.43 -0.68 -11.56
CA ASN B 238 3.82 0.41 -12.32
C ASN B 238 4.32 0.46 -13.75
N HIS B 239 5.54 -0.04 -14.01
CA HIS B 239 6.12 0.08 -15.35
C HIS B 239 5.56 -0.96 -16.31
N GLU B 240 5.16 -2.14 -15.82
CA GLU B 240 4.68 -3.21 -16.68
C GLU B 240 3.16 -3.18 -16.85
N MET B 241 2.53 -2.04 -16.63
CA MET B 241 1.07 -1.96 -16.75
C MET B 241 0.63 -2.18 -18.20
N TYR B 242 1.19 -1.43 -19.14
CA TYR B 242 0.79 -1.54 -20.54
C TYR B 242 0.93 -2.97 -21.03
N ASP B 243 2.15 -3.53 -20.92
CA ASP B 243 2.36 -4.92 -21.29
C ASP B 243 1.40 -5.85 -20.56
N TYR B 244 1.02 -5.50 -19.33
CA TYR B 244 -0.04 -6.24 -18.65
C TYR B 244 -1.37 -6.00 -19.34
N LEU B 245 -1.79 -4.73 -19.43
CA LEU B 245 -3.11 -4.41 -19.96
C LEU B 245 -3.26 -4.79 -21.43
N LEU B 246 -2.18 -4.72 -22.20
CA LEU B 246 -2.23 -5.11 -23.60
C LEU B 246 -2.40 -6.62 -23.78
N HIS B 247 -2.31 -7.40 -22.71
CA HIS B 247 -2.54 -8.84 -22.79
C HIS B 247 -3.91 -9.24 -22.22
N GLY B 248 -4.84 -8.29 -22.14
CA GLY B 248 -6.17 -8.58 -21.66
C GLY B 248 -6.31 -8.72 -20.17
N HIS B 249 -5.21 -8.64 -19.42
CA HIS B 249 -5.25 -8.82 -17.97
C HIS B 249 -5.78 -7.55 -17.30
N ARG B 250 -6.91 -7.67 -16.61
CA ARG B 250 -7.53 -6.57 -15.89
C ARG B 250 -7.53 -6.89 -14.39
N LEU B 251 -8.11 -5.97 -13.61
CA LEU B 251 -8.19 -6.16 -12.17
C LEU B 251 -9.05 -7.38 -11.84
N LYS B 252 -8.53 -8.24 -10.98
CA LYS B 252 -9.20 -9.48 -10.64
C LYS B 252 -10.36 -9.24 -9.69
N GLN B 253 -11.34 -10.12 -9.75
CA GLN B 253 -12.52 -9.99 -8.90
C GLN B 253 -12.15 -10.22 -7.44
N PRO B 254 -12.51 -9.31 -6.53
CA PRO B 254 -12.20 -9.52 -5.12
C PRO B 254 -13.04 -10.65 -4.53
N GLU B 255 -12.59 -11.13 -3.37
CA GLU B 255 -13.35 -12.16 -2.67
C GLU B 255 -14.70 -11.64 -2.21
N ASP B 256 -14.68 -10.58 -1.39
CA ASP B 256 -15.92 -9.90 -0.97
C ASP B 256 -16.38 -9.01 -2.12
N CYS B 257 -17.08 -9.64 -3.06
CA CYS B 257 -17.59 -8.95 -4.25
C CYS B 257 -18.62 -9.84 -4.91
N LEU B 258 -19.52 -9.21 -5.66
CA LEU B 258 -20.60 -9.91 -6.35
C LEU B 258 -20.43 -9.77 -7.85
N ASP B 259 -21.11 -10.67 -8.58
CA ASP B 259 -20.90 -10.77 -10.02
C ASP B 259 -21.41 -9.52 -10.74
N GLU B 260 -22.51 -8.94 -10.27
CA GLU B 260 -23.00 -7.70 -10.88
C GLU B 260 -22.01 -6.55 -10.68
N LEU B 261 -21.50 -6.41 -9.45
CA LEU B 261 -20.54 -5.35 -9.17
C LEU B 261 -19.27 -5.52 -9.99
N TYR B 262 -18.75 -6.75 -10.08
CA TYR B 262 -17.54 -6.98 -10.85
C TYR B 262 -17.79 -6.81 -12.35
N GLU B 263 -19.00 -7.10 -12.83
CA GLU B 263 -19.30 -6.86 -14.23
C GLU B 263 -19.36 -5.36 -14.51
N ILE B 264 -19.95 -4.59 -13.59
CA ILE B 264 -19.99 -3.14 -13.74
C ILE B 264 -18.57 -2.57 -13.73
N MET B 265 -17.69 -3.12 -12.90
CA MET B 265 -16.28 -2.73 -12.95
C MET B 265 -15.66 -3.09 -14.29
N TYR B 266 -15.90 -4.32 -14.76
CA TYR B 266 -15.23 -4.82 -15.95
C TYR B 266 -15.65 -4.06 -17.21
N SER B 267 -16.87 -3.54 -17.23
CA SER B 267 -17.31 -2.76 -18.38
C SER B 267 -16.46 -1.51 -18.57
N CYS B 268 -15.88 -0.98 -17.49
CA CYS B 268 -15.08 0.23 -17.57
C CYS B 268 -13.67 -0.03 -18.12
N TRP B 269 -13.20 -1.28 -18.08
CA TRP B 269 -11.84 -1.60 -18.47
C TRP B 269 -11.75 -2.24 -19.85
N ARG B 270 -12.83 -2.17 -20.64
CA ARG B 270 -12.78 -2.71 -21.99
C ARG B 270 -11.84 -1.89 -22.86
N THR B 271 -11.24 -2.57 -23.85
CA THR B 271 -10.18 -1.95 -24.63
C THR B 271 -10.71 -0.75 -25.42
N ASP B 272 -11.83 -0.91 -26.11
CA ASP B 272 -12.35 0.15 -26.96
C ASP B 272 -13.29 1.06 -26.17
N PRO B 273 -12.99 2.35 -26.06
CA PRO B 273 -13.84 3.23 -25.23
C PRO B 273 -15.29 3.23 -25.63
N LEU B 274 -15.58 3.04 -26.92
CA LEU B 274 -16.97 3.03 -27.38
C LEU B 274 -17.77 1.92 -26.71
N ASP B 275 -17.13 0.78 -26.44
CA ASP B 275 -17.83 -0.31 -25.78
C ASP B 275 -18.00 -0.07 -24.28
N ARG B 276 -17.39 0.96 -23.73
CA ARG B 276 -17.52 1.25 -22.31
C ARG B 276 -18.82 1.97 -22.02
N PRO B 277 -19.37 1.82 -20.82
CA PRO B 277 -20.61 2.50 -20.47
C PRO B 277 -20.38 3.94 -20.06
N THR B 278 -21.46 4.72 -20.12
CA THR B 278 -21.42 6.10 -19.69
C THR B 278 -21.78 6.21 -18.21
N PHE B 279 -21.40 7.34 -17.61
CA PHE B 279 -21.61 7.51 -16.17
C PHE B 279 -23.09 7.48 -15.80
N SER B 280 -23.97 7.87 -16.72
CA SER B 280 -25.41 7.79 -16.45
C SER B 280 -25.86 6.34 -16.36
N VAL B 281 -25.46 5.52 -17.35
CA VAL B 281 -25.79 4.09 -17.33
C VAL B 281 -25.23 3.43 -16.09
N LEU B 282 -23.97 3.73 -15.74
CA LEU B 282 -23.37 3.16 -14.54
C LEU B 282 -24.13 3.58 -13.29
N ARG B 283 -24.50 4.87 -13.22
CA ARG B 283 -25.22 5.35 -12.04
C ARG B 283 -26.56 4.64 -11.88
N LEU B 284 -27.30 4.44 -12.98
CA LEU B 284 -28.56 3.73 -12.88
C LEU B 284 -28.34 2.27 -12.51
N GLN B 285 -27.29 1.65 -13.04
CA GLN B 285 -27.01 0.25 -12.73
C GLN B 285 -26.71 0.07 -11.25
N LEU B 286 -25.82 0.91 -10.70
CA LEU B 286 -25.50 0.79 -9.29
C LEU B 286 -26.68 1.17 -8.40
N GLU B 287 -27.51 2.12 -8.85
CA GLU B 287 -28.70 2.48 -8.08
C GLU B 287 -29.68 1.33 -8.01
N LYS B 288 -29.93 0.66 -9.14
CA LYS B 288 -30.84 -0.49 -9.11
C LYS B 288 -30.27 -1.66 -8.34
N LEU B 289 -28.95 -1.88 -8.45
CA LEU B 289 -28.30 -2.91 -7.66
C LEU B 289 -28.46 -2.64 -6.16
N LEU B 290 -28.31 -1.37 -5.75
CA LEU B 290 -28.55 -1.02 -4.36
C LEU B 290 -30.02 -1.16 -4.00
N GLU B 291 -30.93 -0.99 -4.96
CA GLU B 291 -32.35 -1.19 -4.70
C GLU B 291 -32.68 -2.65 -4.50
N SER B 292 -31.93 -3.56 -5.13
CA SER B 292 -32.24 -4.98 -5.05
C SER B 292 -31.69 -5.65 -3.79
N LEU B 293 -31.03 -4.90 -2.91
CA LEU B 293 -30.48 -5.45 -1.68
C LEU B 293 -31.38 -5.12 -0.50
N PRO B 294 -31.35 -5.94 0.54
CA PRO B 294 -32.18 -5.67 1.72
C PRO B 294 -31.63 -4.51 2.54
N ASP B 295 -32.49 -3.98 3.42
CA ASP B 295 -32.19 -2.79 4.20
C ASP B 295 -31.22 -3.09 5.34
#